data_5UC7
#
_entry.id   5UC7
#
_cell.length_a   75.369
_cell.length_b   88.306
_cell.length_c   63.274
_cell.angle_alpha   90.00
_cell.angle_beta   90.00
_cell.angle_gamma   90.00
#
_symmetry.space_group_name_H-M   'P 21 21 2'
#
loop_
_entity.id
_entity.type
_entity.pdbx_description
1 polymer 'Adenosylmethionine-8-amino-7-oxononanoate aminotransferase'
2 non-polymer 'D(-)-TARTARIC ACID'
3 water water
#
_entity_poly.entity_id   1
_entity_poly.type   'polypeptide(L)'
_entity_poly.pdbx_seq_one_letter_code
;QGMTTDDLAFDRRHIWHPYTSMTSPLPVFPVERAEGCELILSGGERLVDGMSSWWAAIHGYNHPQLNAAMKTQIDAMSHV
MFGGITHAPAIELCRKLVAMTPAPLECVFLADSGSVAVEVAMKMALQYWQAKGESRQRFLTFRNGYHGDTFGAMSVCDPH
NSMHSLWKGYLAENLFAPAPQSRMGGEWDERDMVAFARLMAAHRHEIAAVILEPIVQGAGGMRIYHPQWLQRIRQMCDRE
GILLIADEIATGFGRTGRLFACEHAGIAPDILCLG(LLP)ALTGGTMTLSATLTSRQVAETISNGEAGCFMHGPTFMGNP
LACAVANASLTLLESGDWRRQVAAIEAQLREELAPAADSPQVADVRVLGAIGVVETTRPVNIAALQQFFVRQGVWVRPFG
KLIYLMPPYIIQPEQLRRLTQAVNEAVREETFFSV
;
_entity_poly.pdbx_strand_id   A
#
# COMPACT_ATOMS: atom_id res chain seq x y z
N GLN A 1 -2.89 -8.27 -26.62
CA GLN A 1 -2.97 -7.60 -27.91
C GLN A 1 -1.83 -6.71 -28.39
N GLY A 2 -1.75 -6.75 -29.70
CA GLY A 2 -0.52 -6.30 -30.47
C GLY A 2 -0.45 -4.77 -30.41
N MET A 3 0.75 -4.21 -30.43
CA MET A 3 0.95 -2.76 -30.47
C MET A 3 1.86 -2.47 -31.66
N THR A 4 1.45 -1.55 -32.52
CA THR A 4 2.25 -1.09 -33.66
C THR A 4 3.34 -0.11 -33.24
N THR A 5 4.32 0.06 -34.13
CA THR A 5 5.31 1.13 -33.93
C THR A 5 4.62 2.45 -33.68
N ASP A 6 3.55 2.71 -34.45
CA ASP A 6 2.84 3.98 -34.28
C ASP A 6 2.07 4.02 -32.95
N ASP A 7 1.46 2.90 -32.53
CA ASP A 7 0.83 2.87 -31.18
C ASP A 7 1.83 3.30 -30.07
N LEU A 8 3.07 2.78 -30.11
CA LEU A 8 4.02 3.07 -29.04
C LEU A 8 4.45 4.54 -29.07
N ALA A 9 4.58 5.13 -30.24
CA ALA A 9 4.81 6.58 -30.34
C ALA A 9 3.61 7.38 -29.84
N PHE A 10 2.38 6.94 -30.15
CA PHE A 10 1.20 7.65 -29.63
C PHE A 10 1.19 7.61 -28.10
N ASP A 11 1.49 6.45 -27.51
CA ASP A 11 1.60 6.39 -26.05
C ASP A 11 2.60 7.42 -25.55
N ARG A 12 3.80 7.45 -26.12
CA ARG A 12 4.81 8.38 -25.65
CA ARG A 12 4.79 8.37 -25.59
C ARG A 12 4.31 9.81 -25.73
N ARG A 13 3.63 10.14 -26.82
CA ARG A 13 3.27 11.53 -27.10
C ARG A 13 1.95 11.99 -26.43
N HIS A 14 1.10 11.06 -25.99
CA HIS A 14 -0.24 11.43 -25.55
C HIS A 14 -0.63 10.89 -24.18
N ILE A 15 0.06 9.87 -23.63
CA ILE A 15 -0.50 9.09 -22.52
C ILE A 15 0.37 9.29 -21.28
N TRP A 16 -0.19 9.89 -20.23
CA TRP A 16 0.58 10.01 -18.99
C TRP A 16 0.75 8.65 -18.32
N HIS A 17 1.95 8.38 -17.78
CA HIS A 17 2.09 7.24 -16.87
C HIS A 17 2.37 7.76 -15.45
N PRO A 18 2.43 6.92 -14.41
CA PRO A 18 2.46 7.46 -13.05
C PRO A 18 3.69 8.30 -12.84
N TYR A 19 3.47 9.53 -12.31
CA TYR A 19 4.54 10.49 -12.02
C TYR A 19 5.51 10.63 -13.20
N THR A 20 4.98 10.94 -14.37
CA THR A 20 5.84 11.13 -15.52
C THR A 20 5.69 12.54 -16.05
N SER A 21 6.67 12.88 -16.87
CA SER A 21 6.70 14.10 -17.63
C SER A 21 6.10 13.80 -19.01
N MET A 22 5.31 14.74 -19.50
CA MET A 22 4.87 14.61 -20.88
C MET A 22 5.90 15.15 -21.85
N THR A 23 6.86 15.95 -21.39
CA THR A 23 7.81 16.45 -22.36
C THR A 23 9.01 15.54 -22.49
N SER A 24 9.47 14.88 -21.44
CA SER A 24 10.62 13.98 -21.60
C SER A 24 10.38 12.72 -20.79
N PRO A 25 9.43 11.89 -21.21
CA PRO A 25 9.14 10.67 -20.45
C PRO A 25 10.21 9.59 -20.66
N LEU A 26 10.44 8.78 -19.63
CA LEU A 26 11.31 7.63 -19.84
C LEU A 26 10.56 6.59 -20.67
N PRO A 27 11.31 5.74 -21.38
CA PRO A 27 10.69 4.67 -22.18
C PRO A 27 9.83 3.75 -21.33
N VAL A 28 8.83 3.13 -21.98
CA VAL A 28 7.99 2.17 -21.30
C VAL A 28 8.08 0.89 -22.11
N PHE A 29 7.65 -0.23 -21.49
CA PHE A 29 7.79 -1.49 -22.21
C PHE A 29 6.42 -2.06 -22.55
N PRO A 30 6.24 -2.62 -23.77
CA PRO A 30 4.91 -3.05 -24.24
C PRO A 30 4.59 -4.45 -23.75
N VAL A 31 3.59 -4.54 -22.86
CA VAL A 31 3.14 -5.82 -22.30
C VAL A 31 1.86 -6.28 -23.03
N GLU A 32 1.86 -7.52 -23.53
CA GLU A 32 0.69 -8.09 -24.20
C GLU A 32 -0.15 -8.96 -23.31
N ARG A 33 0.46 -9.71 -22.38
CA ARG A 33 -0.24 -10.70 -21.55
C ARG A 33 0.51 -10.89 -20.25
N ALA A 34 -0.14 -11.55 -19.29
CA ALA A 34 0.58 -11.92 -18.09
C ALA A 34 0.06 -13.27 -17.64
N GLU A 35 0.95 -14.15 -17.17
CA GLU A 35 0.54 -15.50 -16.79
C GLU A 35 1.40 -15.96 -15.59
N GLY A 36 0.76 -16.50 -14.57
CA GLY A 36 1.50 -17.00 -13.40
C GLY A 36 2.29 -15.84 -12.80
N CYS A 37 3.62 -15.95 -12.74
CA CYS A 37 4.45 -14.88 -12.19
CA CYS A 37 4.50 -14.93 -12.19
C CYS A 37 5.24 -14.13 -13.27
N GLU A 38 4.75 -14.13 -14.52
CA GLU A 38 5.52 -13.58 -15.63
C GLU A 38 4.68 -12.58 -16.42
N LEU A 39 5.32 -11.49 -16.81
CA LEU A 39 4.78 -10.57 -17.80
C LEU A 39 5.31 -10.96 -19.17
N ILE A 40 4.48 -10.84 -20.18
CA ILE A 40 4.89 -11.24 -21.52
C ILE A 40 4.89 -10.00 -22.43
N LEU A 41 6.08 -9.65 -22.94
CA LEU A 41 6.26 -8.46 -23.78
C LEU A 41 5.85 -8.73 -25.21
N SER A 42 5.60 -7.64 -25.95
CA SER A 42 5.57 -7.79 -27.41
C SER A 42 6.83 -8.49 -27.89
N GLY A 43 6.69 -9.46 -28.83
CA GLY A 43 7.88 -10.21 -29.27
C GLY A 43 8.17 -11.45 -28.42
N GLY A 44 7.48 -11.62 -27.31
CA GLY A 44 7.45 -12.89 -26.60
C GLY A 44 8.37 -13.05 -25.40
N GLU A 45 9.27 -12.08 -25.22
CA GLU A 45 10.09 -12.25 -23.97
CA GLU A 45 10.13 -12.20 -23.96
C GLU A 45 9.20 -12.28 -22.60
N ARG A 46 9.63 -13.20 -21.73
CA ARG A 46 8.85 -13.31 -20.48
C ARG A 46 9.68 -12.74 -19.32
N LEU A 47 9.09 -11.91 -18.50
CA LEU A 47 9.82 -11.28 -17.39
C LEU A 47 9.29 -11.83 -16.09
N VAL A 48 10.18 -12.24 -15.18
CA VAL A 48 9.71 -12.58 -13.84
C VAL A 48 9.27 -11.31 -13.13
N ASP A 49 8.05 -11.31 -12.62
CA ASP A 49 7.55 -10.10 -11.96
C ASP A 49 8.09 -9.98 -10.52
N GLY A 50 8.91 -8.96 -10.26
CA GLY A 50 9.39 -8.73 -8.90
C GLY A 50 8.51 -7.76 -8.08
N MET A 51 7.49 -7.15 -8.68
CA MET A 51 6.78 -6.03 -8.05
C MET A 51 5.32 -6.31 -7.67
N SER A 52 4.73 -7.43 -8.15
CA SER A 52 3.28 -7.70 -8.04
C SER A 52 2.41 -6.51 -8.42
N SER A 53 2.83 -5.78 -9.48
CA SER A 53 2.13 -4.58 -9.96
C SER A 53 1.92 -3.57 -8.84
N TRP A 54 2.97 -3.39 -8.03
CA TRP A 54 2.92 -2.56 -6.83
C TRP A 54 2.00 -3.20 -5.78
N TRP A 55 2.48 -4.21 -5.06
CA TRP A 55 1.84 -4.88 -3.95
C TRP A 55 0.69 -5.82 -4.31
N ALA A 56 -0.15 -5.45 -5.29
CA ALA A 56 -1.51 -5.99 -5.28
C ALA A 56 -1.61 -7.45 -5.80
N ALA A 57 -0.75 -7.87 -6.74
CA ALA A 57 -0.97 -9.12 -7.45
C ALA A 57 -0.32 -10.30 -6.68
N ILE A 58 -0.84 -10.55 -5.48
CA ILE A 58 -0.23 -11.50 -4.52
C ILE A 58 -0.38 -12.92 -5.00
N HIS A 59 -1.40 -13.18 -5.86
CA HIS A 59 -1.59 -14.50 -6.46
C HIS A 59 -1.07 -14.56 -7.90
N GLY A 60 -0.23 -13.59 -8.30
CA GLY A 60 0.28 -13.52 -9.68
C GLY A 60 -0.84 -13.13 -10.65
N TYR A 61 -0.72 -13.61 -11.90
CA TYR A 61 -1.53 -13.14 -13.02
C TYR A 61 -2.32 -14.27 -13.64
N ASN A 62 -3.44 -13.89 -14.27
CA ASN A 62 -4.25 -14.89 -14.97
C ASN A 62 -4.53 -16.09 -14.08
N HIS A 63 -4.92 -15.84 -12.82
CA HIS A 63 -5.13 -16.94 -11.90
C HIS A 63 -6.46 -17.62 -12.24
N PRO A 64 -6.51 -18.95 -12.38
CA PRO A 64 -7.76 -19.53 -12.90
C PRO A 64 -8.95 -19.31 -11.96
N GLN A 65 -8.73 -19.33 -10.63
CA GLN A 65 -9.87 -19.09 -9.73
C GLN A 65 -10.35 -17.65 -9.81
N LEU A 66 -9.41 -16.69 -9.97
CA LEU A 66 -9.83 -15.29 -10.04
C LEU A 66 -10.55 -15.02 -11.37
N ASN A 67 -10.02 -15.59 -12.47
CA ASN A 67 -10.65 -15.48 -13.78
C ASN A 67 -12.07 -16.03 -13.76
N ALA A 68 -12.24 -17.24 -13.20
CA ALA A 68 -13.56 -17.87 -13.19
C ALA A 68 -14.56 -17.08 -12.37
N ALA A 69 -14.11 -16.52 -11.22
CA ALA A 69 -15.03 -15.75 -10.39
C ALA A 69 -15.46 -14.47 -11.10
N MET A 70 -14.53 -13.81 -11.83
CA MET A 70 -14.92 -12.64 -12.61
C MET A 70 -15.94 -12.98 -13.68
N LYS A 71 -15.70 -14.03 -14.47
CA LYS A 71 -16.60 -14.32 -15.59
C LYS A 71 -17.96 -14.72 -15.07
N THR A 72 -17.98 -15.46 -13.94
CA THR A 72 -19.27 -15.81 -13.36
C THR A 72 -20.05 -14.58 -12.95
N GLN A 73 -19.39 -13.62 -12.31
CA GLN A 73 -20.17 -12.43 -11.89
C GLN A 73 -20.59 -11.59 -13.09
N ILE A 74 -19.72 -11.51 -14.12
CA ILE A 74 -20.16 -10.79 -15.34
C ILE A 74 -21.47 -11.38 -15.87
N ASP A 75 -21.58 -12.69 -15.87
CA ASP A 75 -22.82 -13.32 -16.37
C ASP A 75 -24.05 -12.88 -15.55
N ALA A 76 -23.88 -12.65 -14.24
CA ALA A 76 -25.03 -12.22 -13.41
C ALA A 76 -25.32 -10.72 -13.62
N MET A 77 -24.32 -9.87 -13.31
CA MET A 77 -24.25 -8.42 -13.54
C MET A 77 -22.88 -7.89 -13.13
N SER A 78 -22.18 -7.17 -14.04
CA SER A 78 -20.90 -6.60 -13.64
C SER A 78 -21.09 -5.48 -12.66
N HIS A 79 -22.13 -4.65 -12.88
CA HIS A 79 -22.38 -3.54 -11.98
C HIS A 79 -23.88 -3.22 -11.85
N VAL A 80 -24.28 -2.82 -10.62
CA VAL A 80 -25.53 -2.11 -10.36
C VAL A 80 -25.21 -1.11 -9.23
N MET A 81 -25.96 0.00 -9.18
CA MET A 81 -25.81 1.04 -8.15
C MET A 81 -26.12 0.42 -6.78
N PHE A 82 -25.49 0.97 -5.75
CA PHE A 82 -25.62 0.54 -4.35
C PHE A 82 -26.56 1.44 -3.55
N GLY A 83 -27.10 2.50 -4.16
CA GLY A 83 -28.03 3.34 -3.45
C GLY A 83 -29.40 2.65 -3.42
N GLY A 84 -29.88 2.26 -2.25
CA GLY A 84 -31.14 1.54 -2.06
C GLY A 84 -31.13 0.08 -2.50
N ILE A 85 -29.93 -0.49 -2.75
CA ILE A 85 -29.78 -1.82 -3.34
C ILE A 85 -28.64 -2.53 -2.61
N THR A 86 -28.81 -3.84 -2.38
CA THR A 86 -27.64 -4.64 -1.98
C THR A 86 -27.58 -5.88 -2.86
N HIS A 87 -26.47 -6.65 -2.79
CA HIS A 87 -26.24 -7.79 -3.64
C HIS A 87 -25.23 -8.76 -2.98
N ALA A 88 -25.24 -9.98 -3.50
CA ALA A 88 -24.54 -11.08 -2.84
C ALA A 88 -23.03 -10.86 -2.78
N PRO A 89 -22.34 -10.38 -3.85
CA PRO A 89 -20.89 -10.16 -3.72
C PRO A 89 -20.52 -9.18 -2.61
N ALA A 90 -21.22 -8.02 -2.52
CA ALA A 90 -20.89 -7.09 -1.44
C ALA A 90 -21.14 -7.72 -0.05
N ILE A 91 -22.21 -8.50 0.10
CA ILE A 91 -22.49 -9.07 1.42
C ILE A 91 -21.40 -10.08 1.80
N GLU A 92 -21.05 -10.98 0.87
CA GLU A 92 -20.02 -11.95 1.21
C GLU A 92 -18.69 -11.28 1.52
N LEU A 93 -18.31 -10.26 0.74
CA LEU A 93 -17.05 -9.55 0.96
C LEU A 93 -17.03 -8.88 2.33
N CYS A 94 -18.14 -8.20 2.68
CA CYS A 94 -18.14 -7.51 3.96
C CYS A 94 -18.21 -8.52 5.10
N ARG A 95 -18.92 -9.67 4.93
CA ARG A 95 -18.80 -10.72 5.97
C ARG A 95 -17.34 -11.14 6.15
N LYS A 96 -16.65 -11.38 5.02
CA LYS A 96 -15.27 -11.88 5.12
C LYS A 96 -14.38 -10.87 5.80
N LEU A 97 -14.55 -9.59 5.47
CA LEU A 97 -13.66 -8.56 6.02
C LEU A 97 -13.88 -8.38 7.50
N VAL A 98 -15.16 -8.34 7.94
CA VAL A 98 -15.44 -8.26 9.37
C VAL A 98 -14.86 -9.49 10.07
N ALA A 99 -15.01 -10.67 9.47
CA ALA A 99 -14.59 -11.85 10.21
C ALA A 99 -13.08 -11.91 10.36
N MET A 100 -12.34 -11.39 9.42
CA MET A 100 -10.90 -11.64 9.45
C MET A 100 -10.12 -10.50 10.08
N THR A 101 -10.80 -9.31 10.34
CA THR A 101 -10.06 -8.17 10.85
C THR A 101 -10.12 -8.14 12.37
N PRO A 102 -9.25 -7.36 13.02
CA PRO A 102 -9.27 -7.27 14.48
C PRO A 102 -10.66 -6.92 15.00
N ALA A 103 -10.92 -7.42 16.19
CA ALA A 103 -12.28 -7.68 16.66
C ALA A 103 -13.23 -6.48 16.76
N PRO A 104 -12.81 -5.29 17.23
CA PRO A 104 -13.78 -4.17 17.30
C PRO A 104 -14.32 -3.74 15.93
N LEU A 105 -13.64 -4.05 14.83
CA LEU A 105 -14.04 -3.55 13.51
C LEU A 105 -15.29 -4.28 13.02
N GLU A 106 -16.40 -3.54 12.85
CA GLU A 106 -17.65 -4.16 12.52
C GLU A 106 -18.35 -3.57 11.29
N CYS A 107 -18.03 -2.36 10.89
CA CYS A 107 -18.80 -1.67 9.84
C CYS A 107 -17.90 -1.37 8.66
N VAL A 108 -18.38 -1.63 7.43
CA VAL A 108 -17.54 -1.60 6.25
C VAL A 108 -18.07 -0.55 5.27
N PHE A 109 -17.22 0.38 4.88
CA PHE A 109 -17.52 1.33 3.80
C PHE A 109 -16.67 0.98 2.59
N LEU A 110 -17.33 0.45 1.53
CA LEU A 110 -16.66 0.05 0.30
C LEU A 110 -16.39 1.28 -0.56
N ALA A 111 -15.22 1.32 -1.19
CA ALA A 111 -14.95 2.46 -2.07
C ALA A 111 -14.07 2.00 -3.24
N ASP A 112 -13.65 3.00 -4.05
CA ASP A 112 -13.07 2.69 -5.35
C ASP A 112 -11.55 2.50 -5.33
N SER A 113 -10.82 3.22 -4.48
CA SER A 113 -9.37 3.24 -4.62
C SER A 113 -8.83 3.54 -3.26
N GLY A 114 -7.52 3.28 -3.10
CA GLY A 114 -6.91 3.47 -1.80
C GLY A 114 -6.95 4.91 -1.32
N SER A 115 -6.61 5.85 -2.20
CA SER A 115 -6.68 7.27 -1.81
C SER A 115 -8.06 7.66 -1.27
N VAL A 116 -9.13 7.23 -1.95
CA VAL A 116 -10.48 7.55 -1.50
C VAL A 116 -10.77 6.88 -0.15
N ALA A 117 -10.33 5.63 0.03
CA ALA A 117 -10.49 4.98 1.33
C ALA A 117 -9.85 5.80 2.47
N VAL A 118 -8.66 6.38 2.23
CA VAL A 118 -8.06 7.23 3.25
C VAL A 118 -8.90 8.49 3.49
N GLU A 119 -9.31 9.15 2.40
CA GLU A 119 -10.18 10.32 2.53
C GLU A 119 -11.39 10.00 3.35
N VAL A 120 -12.00 8.85 3.06
CA VAL A 120 -13.16 8.40 3.83
C VAL A 120 -12.81 8.30 5.33
N ALA A 121 -11.69 7.63 5.65
CA ALA A 121 -11.31 7.51 7.07
C ALA A 121 -11.13 8.87 7.72
N MET A 122 -10.45 9.79 7.03
CA MET A 122 -10.26 11.13 7.58
C MET A 122 -11.61 11.84 7.80
N LYS A 123 -12.51 11.76 6.83
CA LYS A 123 -13.84 12.35 6.98
CA LYS A 123 -13.84 12.37 6.99
C LYS A 123 -14.59 11.73 8.16
N MET A 124 -14.44 10.41 8.35
CA MET A 124 -15.08 9.75 9.47
C MET A 124 -14.59 10.32 10.78
N ALA A 125 -13.24 10.45 10.91
CA ALA A 125 -12.67 11.04 12.12
C ALA A 125 -13.19 12.45 12.35
N LEU A 126 -13.27 13.25 11.30
CA LEU A 126 -13.77 14.61 11.49
C LEU A 126 -15.24 14.59 11.88
N GLN A 127 -16.07 13.77 11.21
CA GLN A 127 -17.49 13.74 11.59
C GLN A 127 -17.68 13.22 13.01
N TYR A 128 -16.82 12.29 13.44
CA TYR A 128 -16.89 11.75 14.80
C TYR A 128 -16.82 12.88 15.84
N TRP A 129 -15.79 13.73 15.75
CA TRP A 129 -15.67 14.79 16.74
C TRP A 129 -16.77 15.85 16.61
N GLN A 130 -17.29 16.06 15.39
CA GLN A 130 -18.38 17.00 15.12
C GLN A 130 -19.64 16.52 15.86
N ALA A 131 -19.94 15.22 15.82
CA ALA A 131 -21.04 14.62 16.56
C ALA A 131 -20.84 14.74 18.07
N LYS A 132 -19.61 14.88 18.54
CA LYS A 132 -19.31 15.03 19.95
C LYS A 132 -19.15 16.49 20.34
N GLY A 133 -19.45 17.42 19.42
CA GLY A 133 -19.37 18.84 19.70
C GLY A 133 -17.98 19.42 19.87
N GLU A 134 -16.93 18.77 19.38
CA GLU A 134 -15.62 19.35 19.51
C GLU A 134 -15.13 19.64 18.13
N SER A 135 -14.34 20.70 18.03
CA SER A 135 -13.79 21.08 16.75
CA SER A 135 -13.77 21.13 16.66
C SER A 135 -12.40 20.52 16.73
N ARG A 136 -12.27 19.35 16.12
CA ARG A 136 -10.98 18.70 16.01
C ARG A 136 -10.77 18.64 14.51
N GLN A 137 -9.69 19.23 14.04
CA GLN A 137 -9.44 19.20 12.63
C GLN A 137 -8.05 18.70 12.25
N ARG A 138 -7.20 18.39 13.23
CA ARG A 138 -5.81 18.06 12.95
C ARG A 138 -5.60 16.55 13.01
N PHE A 139 -4.65 16.05 12.20
CA PHE A 139 -4.24 14.66 12.20
C PHE A 139 -2.78 14.58 12.61
N LEU A 140 -2.45 13.62 13.44
CA LEU A 140 -1.07 13.45 13.88
C LEU A 140 -0.49 12.22 13.19
N THR A 141 0.73 12.33 12.66
CA THR A 141 1.32 11.18 12.02
C THR A 141 2.84 11.29 12.10
N PHE A 142 3.48 10.23 11.58
CA PHE A 142 4.92 10.09 11.38
C PHE A 142 5.45 10.88 10.19
N ARG A 143 6.69 11.32 10.30
CA ARG A 143 7.38 11.60 9.04
C ARG A 143 7.57 10.28 8.25
N ASN A 144 7.94 10.42 6.98
CA ASN A 144 8.22 9.34 5.99
C ASN A 144 6.97 8.58 5.54
N GLY A 145 5.77 9.03 5.90
CA GLY A 145 4.60 8.27 5.56
C GLY A 145 4.03 8.60 4.17
N TYR A 146 3.12 7.73 3.72
CA TYR A 146 2.47 7.91 2.42
C TYR A 146 1.05 7.39 2.51
N HIS A 147 0.07 8.20 2.04
CA HIS A 147 -1.33 7.82 2.16
C HIS A 147 -2.16 8.07 0.87
N GLY A 148 -1.54 8.47 -0.23
CA GLY A 148 -2.29 8.69 -1.46
C GLY A 148 -2.05 10.07 -2.04
N ASP A 149 -2.73 10.34 -3.17
CA ASP A 149 -2.41 11.47 -4.03
C ASP A 149 -3.51 12.51 -4.07
N THR A 150 -4.70 12.21 -3.54
CA THR A 150 -5.73 13.23 -3.44
C THR A 150 -5.37 14.21 -2.32
N PHE A 151 -6.00 15.41 -2.33
CA PHE A 151 -5.55 16.53 -1.48
C PHE A 151 -5.64 16.20 0.02
N GLY A 152 -6.74 15.56 0.47
CA GLY A 152 -6.81 15.15 1.87
C GLY A 152 -5.67 14.22 2.27
N ALA A 153 -5.48 13.15 1.49
CA ALA A 153 -4.38 12.22 1.77
C ALA A 153 -3.02 12.91 1.67
N MET A 154 -2.85 13.80 0.69
CA MET A 154 -1.57 14.47 0.55
C MET A 154 -1.19 15.20 1.83
N SER A 155 -2.19 15.68 2.59
CA SER A 155 -1.90 16.50 3.79
C SER A 155 -1.41 15.67 4.98
N VAL A 156 -1.48 14.34 4.91
CA VAL A 156 -0.78 13.50 5.88
C VAL A 156 0.42 12.78 5.28
N CYS A 157 0.78 13.08 4.05
CA CYS A 157 1.97 12.50 3.42
C CYS A 157 3.19 13.28 3.96
N ASP A 158 4.39 12.74 3.86
CA ASP A 158 5.56 13.37 4.45
C ASP A 158 5.78 14.75 3.83
N PRO A 159 6.04 15.78 4.64
CA PRO A 159 6.12 17.17 4.13
C PRO A 159 7.36 17.49 3.31
N HIS A 160 8.28 16.55 3.07
CA HIS A 160 9.34 16.75 2.09
C HIS A 160 9.17 15.91 0.83
N ASN A 161 8.63 14.70 0.99
CA ASN A 161 8.43 13.79 -0.14
C ASN A 161 7.46 14.38 -1.17
N SER A 162 6.17 14.54 -0.78
CA SER A 162 5.12 14.99 -1.72
C SER A 162 5.31 16.45 -2.20
N MET A 163 6.47 17.07 -1.92
CA MET A 163 6.76 18.43 -2.35
C MET A 163 5.74 19.42 -1.80
N HIS A 164 5.41 19.28 -0.50
CA HIS A 164 4.36 20.07 0.12
C HIS A 164 4.58 21.57 -0.10
N SER A 165 5.82 21.98 -0.38
CA SER A 165 6.17 23.37 -0.67
C SER A 165 5.22 24.01 -1.68
N LEU A 166 4.69 23.22 -2.61
CA LEU A 166 3.81 23.70 -3.67
C LEU A 166 2.34 23.74 -3.22
N TRP A 167 1.91 22.75 -2.44
CA TRP A 167 0.54 22.67 -1.94
C TRP A 167 0.38 23.15 -0.50
N LYS A 168 1.47 23.51 0.20
CA LYS A 168 1.36 23.88 1.60
C LYS A 168 0.40 25.04 1.81
N GLY A 169 0.41 26.01 0.88
CA GLY A 169 -0.54 27.12 0.92
C GLY A 169 -1.99 26.72 0.62
N TYR A 170 -2.19 25.57 -0.02
CA TYR A 170 -3.53 25.04 -0.25
C TYR A 170 -3.88 23.88 0.69
N LEU A 171 -2.87 23.15 1.16
CA LEU A 171 -3.06 21.91 1.91
C LEU A 171 -3.24 22.19 3.41
N ALA A 172 -4.12 21.41 4.04
CA ALA A 172 -4.39 21.55 5.46
C ALA A 172 -3.15 21.20 6.28
N GLU A 173 -2.99 21.88 7.42
CA GLU A 173 -1.76 21.80 8.20
C GLU A 173 -1.93 20.77 9.32
N ASN A 174 -1.12 19.71 9.28
CA ASN A 174 -1.18 18.60 10.21
C ASN A 174 0.10 18.52 11.03
N LEU A 175 0.15 17.52 11.91
CA LEU A 175 1.24 17.40 12.88
C LEU A 175 2.12 16.22 12.53
N PHE A 176 3.44 16.46 12.48
CA PHE A 176 4.39 15.47 11.97
C PHE A 176 5.48 15.21 13.00
N ALA A 177 5.43 14.01 13.63
CA ALA A 177 6.39 13.57 14.62
C ALA A 177 7.60 12.94 13.94
N PRO A 178 8.72 12.75 14.67
CA PRO A 178 9.88 12.08 14.07
C PRO A 178 9.50 10.74 13.43
N ALA A 179 10.19 10.42 12.35
CA ALA A 179 10.02 9.14 11.69
C ALA A 179 10.33 8.01 12.68
N PRO A 180 9.57 6.91 12.61
CA PRO A 180 9.72 5.84 13.61
C PRO A 180 10.98 4.99 13.44
N GLN A 181 11.50 4.79 12.22
CA GLN A 181 12.69 3.96 12.06
C GLN A 181 13.80 4.50 12.98
N SER A 182 14.51 3.58 13.66
CA SER A 182 15.57 4.02 14.54
C SER A 182 16.65 4.71 13.70
N ARG A 183 17.36 5.65 14.34
CA ARG A 183 18.35 6.47 13.65
C ARG A 183 19.63 5.73 13.30
N MET A 184 19.96 4.63 14.01
CA MET A 184 21.24 3.98 13.79
C MET A 184 21.23 2.46 13.94
N GLY A 185 20.10 1.79 13.68
CA GLY A 185 20.06 0.35 13.61
C GLY A 185 19.29 -0.30 14.73
N GLY A 186 19.03 0.41 15.83
CA GLY A 186 18.34 -0.18 16.96
C GLY A 186 16.89 -0.55 16.64
N GLU A 187 16.17 -1.10 17.62
CA GLU A 187 14.76 -1.43 17.41
C GLU A 187 13.90 -0.17 17.30
N TRP A 188 13.99 0.71 18.29
CA TRP A 188 13.36 2.03 18.22
C TRP A 188 14.15 3.01 19.07
N ASP A 189 14.02 4.31 18.74
CA ASP A 189 14.48 5.41 19.59
C ASP A 189 13.35 5.79 20.55
N GLU A 190 13.55 5.49 21.84
CA GLU A 190 12.57 5.91 22.85
C GLU A 190 12.35 7.41 22.81
N ARG A 191 13.42 8.19 22.60
CA ARG A 191 13.31 9.63 22.38
C ARG A 191 12.26 9.98 21.31
N ASP A 192 12.20 9.20 20.22
CA ASP A 192 11.20 9.45 19.18
C ASP A 192 9.80 9.12 19.67
N MET A 193 9.68 8.08 20.50
CA MET A 193 8.43 7.75 21.15
C MET A 193 8.01 8.82 22.15
N VAL A 194 8.96 9.32 22.94
CA VAL A 194 8.66 10.42 23.87
C VAL A 194 8.27 11.68 23.11
N ALA A 195 8.95 11.98 21.98
CA ALA A 195 8.63 13.15 21.18
C ALA A 195 7.24 13.04 20.53
N PHE A 196 6.84 11.84 20.13
CA PHE A 196 5.49 11.66 19.61
C PHE A 196 4.45 11.99 20.68
N ALA A 197 4.66 11.48 21.90
CA ALA A 197 3.70 11.70 22.99
C ALA A 197 3.64 13.16 23.40
N ARG A 198 4.77 13.88 23.31
CA ARG A 198 4.76 15.30 23.64
C ARG A 198 3.94 16.09 22.62
N LEU A 199 4.12 15.80 21.34
CA LEU A 199 3.35 16.49 20.33
C LEU A 199 1.84 16.24 20.54
N MET A 200 1.46 14.98 20.82
CA MET A 200 0.06 14.65 21.06
C MET A 200 -0.48 15.36 22.28
N ALA A 201 0.26 15.33 23.39
CA ALA A 201 -0.24 15.98 24.60
C ALA A 201 -0.33 17.49 24.41
N ALA A 202 0.54 18.07 23.58
CA ALA A 202 0.55 19.51 23.31
C ALA A 202 -0.63 19.97 22.46
N HIS A 203 -1.23 19.08 21.68
CA HIS A 203 -2.33 19.42 20.78
C HIS A 203 -3.54 18.51 21.00
N ARG A 204 -3.68 17.97 22.22
CA ARG A 204 -4.60 16.86 22.44
C ARG A 204 -6.04 17.25 22.23
N HIS A 205 -6.36 18.53 22.30
CA HIS A 205 -7.73 18.94 22.02
C HIS A 205 -7.98 19.36 20.56
N GLU A 206 -6.93 19.41 19.72
CA GLU A 206 -7.11 19.65 18.31
C GLU A 206 -6.98 18.40 17.45
N ILE A 207 -6.51 17.28 17.99
CA ILE A 207 -6.17 16.12 17.17
C ILE A 207 -7.37 15.19 17.04
N ALA A 208 -7.84 14.99 15.82
CA ALA A 208 -8.96 14.12 15.55
C ALA A 208 -8.54 12.65 15.57
N ALA A 209 -7.41 12.35 14.95
CA ALA A 209 -6.94 10.98 14.86
C ALA A 209 -5.44 10.99 14.63
N VAL A 210 -4.82 9.86 14.96
CA VAL A 210 -3.49 9.50 14.49
C VAL A 210 -3.68 8.63 13.27
N ILE A 211 -2.92 8.87 12.19
CA ILE A 211 -2.97 7.97 11.04
C ILE A 211 -1.58 7.45 10.77
N LEU A 212 -1.45 6.17 10.42
CA LEU A 212 -0.09 5.69 10.15
C LEU A 212 -0.17 4.43 9.30
N GLU A 213 0.94 4.10 8.64
CA GLU A 213 1.07 2.79 8.01
C GLU A 213 1.77 1.90 9.02
N PRO A 214 1.14 0.83 9.46
CA PRO A 214 1.72 -0.03 10.51
C PRO A 214 2.89 -0.83 9.97
N ILE A 215 4.02 -0.72 10.67
CA ILE A 215 5.25 -1.52 10.57
C ILE A 215 6.06 -1.14 9.33
N VAL A 216 5.42 -1.02 8.16
CA VAL A 216 6.16 -0.69 6.94
C VAL A 216 5.64 0.63 6.41
N GLN A 217 6.53 1.57 6.16
CA GLN A 217 6.19 2.82 5.48
C GLN A 217 6.62 2.66 4.02
N GLY A 218 5.63 2.59 3.10
CA GLY A 218 5.90 2.14 1.74
C GLY A 218 6.53 3.14 0.78
N ALA A 219 5.65 3.89 0.07
CA ALA A 219 6.11 4.84 -0.95
C ALA A 219 7.00 5.93 -0.34
N GLY A 220 6.85 6.20 0.96
CA GLY A 220 7.71 7.16 1.63
C GLY A 220 9.11 6.67 1.98
N GLY A 221 9.48 5.45 1.61
CA GLY A 221 10.85 5.06 1.83
C GLY A 221 11.10 3.59 2.11
N MET A 222 10.06 2.76 1.98
CA MET A 222 10.15 1.34 2.32
C MET A 222 10.88 1.16 3.66
N ARG A 223 10.44 1.92 4.65
CA ARG A 223 11.02 1.90 5.99
C ARG A 223 10.24 0.94 6.89
N ILE A 224 10.95 0.28 7.79
CA ILE A 224 10.39 -0.77 8.63
C ILE A 224 10.66 -0.44 10.09
N TYR A 225 9.62 -0.39 10.92
CA TYR A 225 9.84 0.00 12.30
C TYR A 225 9.26 -1.05 13.28
N HIS A 226 9.64 -0.92 14.56
CA HIS A 226 9.32 -1.92 15.58
C HIS A 226 7.84 -1.85 16.00
N PRO A 227 7.24 -2.99 16.37
CA PRO A 227 5.82 -3.01 16.77
C PRO A 227 5.55 -2.35 18.11
N GLN A 228 6.57 -2.17 18.95
CA GLN A 228 6.37 -1.40 20.17
C GLN A 228 5.74 -0.03 19.87
N TRP A 229 6.07 0.56 18.73
CA TRP A 229 5.45 1.83 18.33
C TRP A 229 3.92 1.75 18.32
N LEU A 230 3.38 0.68 17.74
CA LEU A 230 1.94 0.53 17.62
C LEU A 230 1.28 0.29 18.98
N GLN A 231 1.89 -0.53 19.84
CA GLN A 231 1.26 -0.78 21.14
C GLN A 231 1.24 0.50 21.97
N ARG A 232 2.28 1.31 21.83
CA ARG A 232 2.39 2.53 22.63
CA ARG A 232 2.41 2.54 22.60
C ARG A 232 1.48 3.63 22.08
N ILE A 233 1.42 3.77 20.76
CA ILE A 233 0.51 4.75 20.17
C ILE A 233 -0.94 4.38 20.49
N ARG A 234 -1.27 3.10 20.38
CA ARG A 234 -2.60 2.62 20.74
C ARG A 234 -2.96 2.97 22.18
N GLN A 235 -1.99 2.82 23.10
CA GLN A 235 -2.23 3.17 24.50
C GLN A 235 -2.46 4.67 24.64
N MET A 236 -1.61 5.48 23.98
CA MET A 236 -1.75 6.94 24.05
C MET A 236 -3.13 7.39 23.57
N CYS A 237 -3.53 6.91 22.39
CA CYS A 237 -4.86 7.19 21.83
C CYS A 237 -5.98 6.81 22.79
N ASP A 238 -5.94 5.58 23.32
CA ASP A 238 -6.90 5.13 24.32
C ASP A 238 -6.98 6.09 25.51
N ARG A 239 -5.82 6.61 25.96
CA ARG A 239 -5.84 7.48 27.14
C ARG A 239 -6.50 8.81 26.84
N GLU A 240 -6.38 9.31 25.62
CA GLU A 240 -6.94 10.60 25.23
C GLU A 240 -8.32 10.52 24.61
N GLY A 241 -8.77 9.34 24.20
CA GLY A 241 -9.98 9.24 23.41
C GLY A 241 -9.79 9.48 21.93
N ILE A 242 -8.53 9.63 21.48
CA ILE A 242 -8.24 9.93 20.07
C ILE A 242 -8.34 8.66 19.25
N LEU A 243 -8.85 8.77 18.02
CA LEU A 243 -8.99 7.62 17.14
C LEU A 243 -7.66 7.23 16.47
N LEU A 244 -7.49 5.95 16.24
CA LEU A 244 -6.33 5.40 15.52
C LEU A 244 -6.80 4.85 14.18
N ILE A 245 -6.33 5.46 13.09
CA ILE A 245 -6.55 4.99 11.72
C ILE A 245 -5.32 4.19 11.32
N ALA A 246 -5.49 2.91 10.98
CA ALA A 246 -4.41 2.13 10.39
C ALA A 246 -4.58 2.09 8.88
N ASP A 247 -3.58 2.59 8.15
CA ASP A 247 -3.59 2.49 6.69
C ASP A 247 -2.83 1.22 6.30
N GLU A 248 -3.60 0.15 6.01
CA GLU A 248 -3.05 -1.12 5.55
C GLU A 248 -3.32 -1.34 4.05
N ILE A 249 -3.43 -0.26 3.28
CA ILE A 249 -3.68 -0.47 1.85
C ILE A 249 -2.52 -1.24 1.20
N ALA A 250 -1.27 -0.99 1.66
CA ALA A 250 -0.15 -1.76 1.17
C ALA A 250 0.12 -3.02 2.02
N THR A 251 0.01 -2.94 3.35
CA THR A 251 0.47 -4.07 4.18
C THR A 251 -0.60 -5.16 4.32
N GLY A 252 -1.88 -4.87 3.98
CA GLY A 252 -2.94 -5.84 4.26
C GLY A 252 -2.87 -7.09 3.39
N PHE A 253 -3.46 -8.18 3.92
CA PHE A 253 -3.54 -9.47 3.21
C PHE A 253 -2.20 -10.15 3.07
N GLY A 254 -1.36 -10.10 4.15
CA GLY A 254 -0.30 -11.08 4.35
C GLY A 254 1.14 -10.64 4.01
N ARG A 255 1.31 -9.47 3.40
CA ARG A 255 2.60 -9.21 2.77
C ARG A 255 3.74 -9.11 3.78
N THR A 256 3.48 -8.58 5.00
CA THR A 256 4.55 -8.52 6.02
C THR A 256 4.67 -9.79 6.85
N GLY A 257 3.92 -10.81 6.54
CA GLY A 257 4.07 -12.06 7.25
C GLY A 257 2.89 -12.34 8.17
N ARG A 258 2.08 -11.34 8.44
CA ARG A 258 0.83 -11.57 9.16
C ARG A 258 -0.28 -11.06 8.26
N LEU A 259 -1.52 -11.55 8.47
CA LEU A 259 -2.60 -11.12 7.60
C LEU A 259 -2.71 -9.60 7.57
N PHE A 260 -2.65 -8.95 8.74
CA PHE A 260 -2.66 -7.50 8.81
C PHE A 260 -1.46 -7.09 9.66
N ALA A 261 -0.72 -6.07 9.23
CA ALA A 261 0.50 -5.71 9.96
C ALA A 261 0.22 -5.30 11.40
N CYS A 262 -1.01 -4.86 11.69
CA CYS A 262 -1.39 -4.57 13.09
C CYS A 262 -1.20 -5.80 13.99
N GLU A 263 -1.46 -6.99 13.47
CA GLU A 263 -1.26 -8.20 14.26
C GLU A 263 0.16 -8.35 14.81
N HIS A 264 1.15 -7.67 14.23
CA HIS A 264 2.52 -7.74 14.73
C HIS A 264 2.60 -7.18 16.15
N ALA A 265 1.77 -6.19 16.41
CA ALA A 265 1.69 -5.52 17.70
C ALA A 265 0.51 -6.02 18.52
N GLY A 266 -0.41 -6.76 17.92
CA GLY A 266 -1.58 -7.22 18.65
C GLY A 266 -2.54 -6.11 19.02
N ILE A 267 -2.62 -5.04 18.23
CA ILE A 267 -3.50 -3.91 18.54
C ILE A 267 -4.60 -3.88 17.48
N ALA A 268 -5.69 -3.17 17.79
CA ALA A 268 -6.78 -2.95 16.82
C ALA A 268 -6.97 -1.46 16.61
N PRO A 269 -6.99 -0.98 15.38
CA PRO A 269 -7.28 0.43 15.16
C PRO A 269 -8.76 0.69 15.30
N ASP A 270 -9.11 1.99 15.42
CA ASP A 270 -10.54 2.35 15.36
C ASP A 270 -11.09 2.30 13.93
N ILE A 271 -10.24 2.60 12.96
CA ILE A 271 -10.56 2.70 11.53
C ILE A 271 -9.39 2.05 10.78
N LEU A 272 -9.68 1.12 9.87
CA LEU A 272 -8.71 0.35 9.09
C LEU A 272 -9.01 0.52 7.60
N CYS A 273 -8.00 0.92 6.80
CA CYS A 273 -8.14 1.13 5.36
C CYS A 273 -7.45 0.00 4.61
N LEU A 274 -8.14 -0.55 3.61
CA LEU A 274 -7.64 -1.67 2.81
C LEU A 274 -7.82 -1.39 1.32
N GLY A 275 -7.05 -2.07 0.50
CA GLY A 275 -7.04 -1.82 -0.96
C GLY A 275 -6.14 -2.87 -1.62
N ALA A 277 -4.13 -5.46 -2.63
CA ALA A 277 -4.26 -6.91 -2.77
C ALA A 277 -5.66 -7.42 -2.48
N LEU A 278 -6.51 -6.52 -1.98
CA LEU A 278 -7.93 -6.88 -1.76
C LEU A 278 -8.56 -7.65 -2.94
N THR A 279 -8.35 -7.20 -4.19
CA THR A 279 -8.89 -7.91 -5.36
C THR A 279 -7.88 -8.90 -5.98
N GLY A 280 -6.78 -9.21 -5.29
CA GLY A 280 -5.74 -9.96 -5.99
C GLY A 280 -5.08 -9.15 -7.07
N GLY A 281 -5.14 -7.82 -6.98
CA GLY A 281 -4.57 -6.98 -8.05
C GLY A 281 -5.16 -7.19 -9.43
N THR A 282 -6.48 -7.44 -9.51
CA THR A 282 -7.12 -7.58 -10.83
C THR A 282 -7.84 -6.32 -11.30
N MET A 283 -8.18 -5.45 -10.36
CA MET A 283 -8.97 -4.24 -10.67
C MET A 283 -9.13 -3.49 -9.35
N THR A 284 -9.53 -2.23 -9.42
CA THR A 284 -9.42 -1.39 -8.23
C THR A 284 -10.64 -1.60 -7.30
N LEU A 285 -10.39 -1.65 -6.00
CA LEU A 285 -11.47 -1.65 -4.99
C LEU A 285 -10.79 -1.26 -3.67
N SER A 286 -11.50 -0.60 -2.76
CA SER A 286 -10.95 -0.36 -1.41
C SER A 286 -12.05 -0.59 -0.37
N ALA A 287 -11.64 -0.60 0.91
CA ALA A 287 -12.63 -0.71 2.01
C ALA A 287 -12.08 -0.01 3.23
N THR A 288 -12.95 0.73 3.90
CA THR A 288 -12.59 1.36 5.17
C THR A 288 -13.54 0.78 6.23
N LEU A 289 -12.98 0.08 7.24
CA LEU A 289 -13.78 -0.50 8.32
C LEU A 289 -13.67 0.34 9.56
N THR A 290 -14.72 0.33 10.39
CA THR A 290 -14.72 1.08 11.63
CA THR A 290 -14.61 1.01 11.65
C THR A 290 -15.37 0.26 12.74
N SER A 291 -15.14 0.72 13.95
CA SER A 291 -15.86 0.17 15.10
C SER A 291 -17.33 0.60 15.06
N ARG A 292 -18.16 -0.15 15.82
CA ARG A 292 -19.54 0.24 16.03
C ARG A 292 -19.64 1.63 16.63
N GLN A 293 -18.79 1.92 17.62
CA GLN A 293 -18.83 3.23 18.28
C GLN A 293 -18.61 4.36 17.28
N VAL A 294 -17.60 4.24 16.40
CA VAL A 294 -17.38 5.26 15.40
C VAL A 294 -18.59 5.41 14.47
N ALA A 295 -19.11 4.28 13.94
CA ALA A 295 -20.19 4.36 12.98
C ALA A 295 -21.46 4.98 13.57
N GLU A 296 -21.81 4.64 14.82
CA GLU A 296 -23.00 5.24 15.47
C GLU A 296 -22.78 6.71 15.77
N THR A 297 -21.55 7.07 16.18
CA THR A 297 -21.23 8.45 16.46
C THR A 297 -21.37 9.31 15.21
N ILE A 298 -20.81 8.86 14.08
CA ILE A 298 -20.93 9.62 12.83
C ILE A 298 -22.31 9.45 12.21
N SER A 299 -23.18 8.69 12.87
CA SER A 299 -24.59 8.70 12.51
C SER A 299 -25.39 9.68 13.38
N ASN A 300 -24.78 10.21 14.46
CA ASN A 300 -25.39 11.11 15.45
C ASN A 300 -25.20 12.60 15.17
N GLY A 301 -24.30 13.00 14.28
CA GLY A 301 -24.07 14.44 14.22
C GLY A 301 -25.18 15.22 13.56
N GLU A 302 -24.88 16.43 13.07
CA GLU A 302 -25.82 17.20 12.25
C GLU A 302 -25.86 16.70 10.80
N ALA A 303 -24.98 15.77 10.43
CA ALA A 303 -25.02 15.22 9.06
C ALA A 303 -26.24 14.32 8.85
N GLY A 304 -26.58 13.49 9.84
CA GLY A 304 -27.61 12.48 9.69
C GLY A 304 -27.17 11.23 8.99
N CYS A 305 -25.92 11.17 8.54
CA CYS A 305 -25.42 10.08 7.72
C CYS A 305 -23.90 10.28 7.62
N PHE A 306 -23.22 9.29 7.07
CA PHE A 306 -21.83 9.50 6.68
C PHE A 306 -21.79 10.06 5.25
N MET A 307 -21.21 11.28 5.12
CA MET A 307 -21.29 12.13 3.92
C MET A 307 -20.27 11.71 2.85
N HIS A 308 -20.50 10.53 2.26
CA HIS A 308 -19.65 10.00 1.19
C HIS A 308 -20.41 8.88 0.44
N GLY A 309 -20.16 8.79 -0.89
CA GLY A 309 -20.79 7.77 -1.71
C GLY A 309 -20.34 7.72 -3.18
N PRO A 310 -19.23 7.05 -3.47
CA PRO A 310 -18.81 6.87 -4.90
C PRO A 310 -19.92 6.22 -5.78
N THR A 311 -20.09 6.71 -7.03
CA THR A 311 -20.98 6.09 -8.05
C THR A 311 -20.84 4.56 -8.17
N PHE A 312 -19.61 4.05 -8.31
CA PHE A 312 -19.39 2.60 -8.41
C PHE A 312 -19.24 1.89 -7.06
N MET A 313 -19.70 2.53 -5.97
CA MET A 313 -19.60 1.89 -4.66
C MET A 313 -20.20 0.48 -4.67
N GLY A 314 -19.47 -0.47 -4.08
CA GLY A 314 -19.99 -1.82 -3.96
C GLY A 314 -19.96 -2.61 -5.25
N ASN A 315 -19.28 -2.11 -6.27
CA ASN A 315 -19.26 -2.77 -7.60
C ASN A 315 -19.28 -4.30 -7.51
N PRO A 316 -20.32 -4.98 -8.01
CA PRO A 316 -20.40 -6.45 -7.86
C PRO A 316 -19.18 -7.18 -8.44
N LEU A 317 -18.71 -6.79 -9.63
CA LEU A 317 -17.56 -7.50 -10.22
C LEU A 317 -16.34 -7.42 -9.30
N ALA A 318 -15.97 -6.22 -8.86
CA ALA A 318 -14.75 -6.17 -8.01
C ALA A 318 -14.98 -6.91 -6.69
N CYS A 319 -16.19 -6.80 -6.11
CA CYS A 319 -16.44 -7.55 -4.88
C CYS A 319 -16.25 -9.05 -5.13
N ALA A 320 -16.80 -9.55 -6.26
CA ALA A 320 -16.76 -10.98 -6.54
C ALA A 320 -15.32 -11.48 -6.72
N VAL A 321 -14.45 -10.70 -7.38
CA VAL A 321 -13.05 -11.14 -7.49
C VAL A 321 -12.30 -10.95 -6.18
N ALA A 322 -12.63 -9.93 -5.35
CA ALA A 322 -12.06 -9.88 -4.00
C ALA A 322 -12.43 -11.12 -3.17
N ASN A 323 -13.70 -11.56 -3.26
CA ASN A 323 -14.14 -12.78 -2.55
C ASN A 323 -13.29 -13.99 -2.96
N ALA A 324 -13.07 -14.19 -4.27
CA ALA A 324 -12.24 -15.29 -4.73
C ALA A 324 -10.80 -15.17 -4.24
N SER A 325 -10.26 -13.95 -4.24
CA SER A 325 -8.90 -13.73 -3.71
C SER A 325 -8.82 -14.06 -2.21
N LEU A 326 -9.78 -13.59 -1.44
CA LEU A 326 -9.80 -13.94 -0.01
C LEU A 326 -9.98 -15.43 0.22
N THR A 327 -10.80 -16.08 -0.61
CA THR A 327 -10.94 -17.54 -0.51
C THR A 327 -9.59 -18.25 -0.77
N LEU A 328 -8.81 -17.76 -1.74
CA LEU A 328 -7.44 -18.29 -1.90
C LEU A 328 -6.62 -18.13 -0.62
N LEU A 329 -6.71 -16.98 0.05
CA LEU A 329 -5.93 -16.82 1.27
C LEU A 329 -6.40 -17.75 2.39
N GLU A 330 -7.67 -18.15 2.40
CA GLU A 330 -8.17 -19.06 3.44
C GLU A 330 -7.47 -20.40 3.42
N SER A 331 -6.78 -20.76 2.32
CA SER A 331 -5.95 -21.95 2.45
C SER A 331 -4.91 -21.80 3.55
N GLY A 332 -4.53 -20.57 3.92
CA GLY A 332 -3.46 -20.40 4.90
C GLY A 332 -2.07 -20.55 4.29
N ASP A 333 -1.95 -20.88 3.02
CA ASP A 333 -0.64 -21.14 2.43
C ASP A 333 0.21 -19.88 2.40
N TRP A 334 -0.44 -18.71 2.18
CA TRP A 334 0.29 -17.45 2.09
C TRP A 334 1.25 -17.27 3.24
N ARG A 335 0.86 -17.69 4.45
CA ARG A 335 1.69 -17.42 5.62
C ARG A 335 3.02 -18.17 5.55
N ARG A 336 3.00 -19.38 5.08
CA ARG A 336 4.20 -20.15 4.89
C ARG A 336 5.02 -19.68 3.67
N GLN A 337 4.31 -19.43 2.58
CA GLN A 337 4.99 -18.96 1.36
C GLN A 337 5.74 -17.67 1.64
N VAL A 338 5.10 -16.75 2.36
CA VAL A 338 5.72 -15.45 2.65
C VAL A 338 6.92 -15.66 3.58
N ALA A 339 6.81 -16.56 4.55
CA ALA A 339 7.97 -16.80 5.42
C ALA A 339 9.18 -17.35 4.64
N ALA A 340 8.93 -18.21 3.65
CA ALA A 340 10.03 -18.80 2.88
C ALA A 340 10.64 -17.76 1.93
N ILE A 341 9.79 -16.89 1.33
CA ILE A 341 10.27 -15.76 0.54
C ILE A 341 11.15 -14.87 1.41
N GLU A 342 10.68 -14.52 2.62
CA GLU A 342 11.46 -13.70 3.56
C GLU A 342 12.85 -14.29 3.80
N ALA A 343 12.89 -15.59 4.08
CA ALA A 343 14.17 -16.24 4.36
C ALA A 343 15.10 -16.22 3.11
N GLN A 344 14.54 -16.43 1.91
CA GLN A 344 15.34 -16.37 0.69
C GLN A 344 15.81 -14.94 0.41
N LEU A 345 14.93 -13.99 0.53
CA LEU A 345 15.32 -12.59 0.35
C LEU A 345 16.45 -12.20 1.31
N ARG A 346 16.32 -12.56 2.59
CA ARG A 346 17.38 -12.21 3.54
C ARG A 346 18.72 -12.83 3.15
N GLU A 347 18.71 -14.11 2.75
CA GLU A 347 19.95 -14.82 2.42
C GLU A 347 20.58 -14.28 1.12
N GLU A 348 19.79 -14.11 0.09
CA GLU A 348 20.27 -13.72 -1.22
C GLU A 348 20.50 -12.21 -1.38
N LEU A 349 19.84 -11.34 -0.59
CA LEU A 349 20.17 -9.92 -0.71
C LEU A 349 21.36 -9.52 0.15
N ALA A 350 21.75 -10.35 1.14
CA ALA A 350 22.85 -9.99 2.03
C ALA A 350 24.14 -9.61 1.30
N PRO A 351 24.58 -10.32 0.24
CA PRO A 351 25.82 -9.88 -0.46
C PRO A 351 25.78 -8.44 -0.97
N ALA A 352 24.59 -7.91 -1.26
CA ALA A 352 24.48 -6.54 -1.75
C ALA A 352 24.95 -5.54 -0.71
N ALA A 353 24.87 -5.89 0.58
CA ALA A 353 25.22 -4.91 1.59
C ALA A 353 26.70 -4.55 1.53
N ASP A 354 27.51 -5.36 0.85
CA ASP A 354 28.93 -5.07 0.73
C ASP A 354 29.21 -4.00 -0.31
N SER A 355 28.23 -3.57 -1.04
CA SER A 355 28.55 -2.69 -2.16
C SER A 355 28.68 -1.24 -1.69
N PRO A 356 29.62 -0.46 -2.26
CA PRO A 356 29.72 0.97 -1.89
C PRO A 356 28.50 1.78 -2.32
N GLN A 357 27.74 1.31 -3.30
CA GLN A 357 26.52 1.96 -3.74
C GLN A 357 25.35 1.73 -2.78
N VAL A 358 25.51 0.91 -1.73
CA VAL A 358 24.37 0.43 -0.94
C VAL A 358 24.50 0.92 0.49
N ALA A 359 23.39 1.41 1.04
CA ALA A 359 23.39 1.91 2.41
C ALA A 359 22.76 0.95 3.42
N ASP A 360 21.87 0.06 2.97
CA ASP A 360 21.13 -0.82 3.88
C ASP A 360 20.41 -1.88 3.07
N VAL A 361 20.34 -3.09 3.60
CA VAL A 361 19.48 -4.16 3.09
C VAL A 361 18.52 -4.52 4.22
N ARG A 362 17.22 -4.54 3.95
CA ARG A 362 16.22 -4.85 4.97
C ARG A 362 15.04 -5.61 4.36
N VAL A 363 14.54 -6.60 5.10
CA VAL A 363 13.57 -7.58 4.60
C VAL A 363 12.53 -7.78 5.68
N LEU A 364 11.26 -7.84 5.27
CA LEU A 364 10.19 -8.26 6.19
C LEU A 364 9.14 -8.96 5.37
N GLY A 365 8.83 -10.19 5.72
CA GLY A 365 7.84 -10.83 4.87
C GLY A 365 8.33 -10.93 3.43
N ALA A 366 7.41 -10.70 2.51
CA ALA A 366 7.75 -10.77 1.10
C ALA A 366 8.02 -9.37 0.52
N ILE A 367 8.86 -8.63 1.25
CA ILE A 367 9.34 -7.28 0.91
C ILE A 367 10.86 -7.29 1.13
N GLY A 368 11.67 -7.01 0.07
CA GLY A 368 13.14 -7.03 0.22
C GLY A 368 13.65 -5.70 -0.25
N VAL A 369 14.38 -4.93 0.55
CA VAL A 369 14.69 -3.55 0.17
C VAL A 369 16.19 -3.37 0.19
N VAL A 370 16.75 -2.85 -0.92
CA VAL A 370 18.16 -2.41 -0.97
C VAL A 370 18.13 -0.90 -1.11
N GLU A 371 18.52 -0.19 -0.05
CA GLU A 371 18.59 1.26 -0.07
C GLU A 371 19.99 1.67 -0.51
N THR A 372 20.06 2.51 -1.53
CA THR A 372 21.33 2.86 -2.16
C THR A 372 21.80 4.21 -1.64
N THR A 373 23.08 4.48 -1.84
CA THR A 373 23.60 5.75 -1.38
C THR A 373 23.39 6.88 -2.36
N ARG A 374 23.01 6.61 -3.60
CA ARG A 374 22.76 7.63 -4.61
CA ARG A 374 22.75 7.64 -4.60
C ARG A 374 21.50 7.26 -5.35
N PRO A 375 20.80 8.24 -5.95
CA PRO A 375 19.56 7.92 -6.68
C PRO A 375 19.87 6.98 -7.85
N VAL A 376 18.88 6.14 -8.18
CA VAL A 376 19.04 5.21 -9.30
C VAL A 376 18.86 5.95 -10.61
N ASN A 377 19.49 5.44 -11.66
CA ASN A 377 19.23 5.86 -13.02
C ASN A 377 18.13 4.95 -13.53
N ILE A 378 16.87 5.41 -13.45
CA ILE A 378 15.74 4.52 -13.68
C ILE A 378 15.78 3.94 -15.08
N ALA A 379 16.03 4.78 -16.08
CA ALA A 379 16.04 4.29 -17.46
C ALA A 379 17.10 3.18 -17.64
N ALA A 380 18.32 3.43 -17.16
CA ALA A 380 19.39 2.45 -17.35
C ALA A 380 19.08 1.18 -16.57
N LEU A 381 18.57 1.29 -15.35
CA LEU A 381 18.29 0.09 -14.58
C LEU A 381 17.14 -0.71 -15.20
N GLN A 382 16.11 -0.01 -15.65
CA GLN A 382 14.98 -0.72 -16.23
C GLN A 382 15.41 -1.53 -17.43
N GLN A 383 16.23 -0.93 -18.30
CA GLN A 383 16.81 -1.66 -19.44
C GLN A 383 17.62 -2.87 -18.97
N PHE A 384 18.45 -2.69 -17.96
CA PHE A 384 19.22 -3.83 -17.43
C PHE A 384 18.30 -4.94 -16.96
N PHE A 385 17.32 -4.60 -16.11
CA PHE A 385 16.44 -5.63 -15.56
C PHE A 385 15.73 -6.39 -16.67
N VAL A 386 15.16 -5.64 -17.65
CA VAL A 386 14.47 -6.32 -18.75
C VAL A 386 15.43 -7.24 -19.53
N ARG A 387 16.66 -6.76 -19.78
CA ARG A 387 17.70 -7.63 -20.41
C ARG A 387 17.92 -8.92 -19.58
N GLN A 388 17.78 -8.86 -18.26
CA GLN A 388 17.97 -10.05 -17.41
C GLN A 388 16.72 -10.91 -17.32
N GLY A 389 15.65 -10.55 -18.01
CA GLY A 389 14.46 -11.35 -17.93
C GLY A 389 13.65 -11.10 -16.67
N VAL A 390 13.76 -9.94 -16.01
CA VAL A 390 12.94 -9.68 -14.81
C VAL A 390 12.33 -8.29 -14.89
N TRP A 391 11.29 -8.09 -14.07
CA TRP A 391 10.61 -6.80 -13.94
C TRP A 391 10.78 -6.32 -12.50
N VAL A 392 11.60 -5.30 -12.34
CA VAL A 392 11.89 -4.62 -11.08
C VAL A 392 11.84 -3.12 -11.38
N ARG A 393 11.04 -2.36 -10.62
CA ARG A 393 10.81 -0.94 -10.90
C ARG A 393 11.32 -0.14 -9.71
N PRO A 394 12.58 0.33 -9.72
CA PRO A 394 13.12 1.09 -8.59
C PRO A 394 12.68 2.54 -8.65
N PHE A 395 12.83 3.23 -7.50
CA PHE A 395 12.68 4.67 -7.45
C PHE A 395 13.57 5.29 -6.39
N GLY A 396 14.00 6.50 -6.68
CA GLY A 396 14.79 7.27 -5.75
C GLY A 396 16.08 6.56 -5.40
N LYS A 397 16.22 6.22 -4.12
CA LYS A 397 17.37 5.45 -3.64
C LYS A 397 16.97 4.03 -3.25
N LEU A 398 15.95 3.49 -3.89
CA LEU A 398 15.41 2.21 -3.46
C LEU A 398 15.32 1.28 -4.66
N ILE A 399 15.94 0.11 -4.50
CA ILE A 399 15.73 -1.02 -5.38
C ILE A 399 15.06 -2.08 -4.51
N TYR A 400 13.82 -2.42 -4.82
CA TYR A 400 13.12 -3.33 -3.91
C TYR A 400 12.28 -4.35 -4.67
N LEU A 401 11.95 -5.43 -3.93
CA LEU A 401 11.26 -6.63 -4.42
C LEU A 401 10.03 -6.90 -3.57
N MET A 402 8.91 -7.15 -4.23
CA MET A 402 7.67 -7.54 -3.56
C MET A 402 6.94 -8.50 -4.47
N PRO A 403 7.43 -9.72 -4.59
CA PRO A 403 6.95 -10.63 -5.61
C PRO A 403 5.65 -11.29 -5.20
N PRO A 404 4.96 -11.90 -6.15
CA PRO A 404 3.77 -12.68 -5.81
C PRO A 404 4.13 -13.83 -4.87
N TYR A 405 3.15 -14.19 -4.03
CA TYR A 405 3.45 -15.20 -3.00
C TYR A 405 3.77 -16.56 -3.60
N ILE A 406 3.24 -16.84 -4.78
CA ILE A 406 3.45 -18.11 -5.44
C ILE A 406 4.74 -18.14 -6.26
N ILE A 407 5.60 -17.14 -6.13
CA ILE A 407 6.83 -17.15 -6.96
C ILE A 407 7.64 -18.44 -6.76
N GLN A 408 8.19 -18.99 -7.84
CA GLN A 408 9.01 -20.21 -7.69
C GLN A 408 10.46 -19.86 -7.27
N PRO A 409 11.15 -20.81 -6.65
CA PRO A 409 12.54 -20.54 -6.19
C PRO A 409 13.48 -19.96 -7.23
N GLU A 410 13.55 -20.57 -8.41
CA GLU A 410 14.49 -20.08 -9.42
C GLU A 410 14.06 -18.69 -9.94
N GLN A 411 12.75 -18.43 -9.96
CA GLN A 411 12.25 -17.11 -10.35
C GLN A 411 12.72 -16.07 -9.34
N LEU A 412 12.59 -16.37 -8.03
CA LEU A 412 13.04 -15.42 -7.01
C LEU A 412 14.58 -15.30 -7.02
N ARG A 413 15.30 -16.38 -7.28
CA ARG A 413 16.76 -16.27 -7.39
C ARG A 413 17.15 -15.36 -8.54
N ARG A 414 16.41 -15.42 -9.65
CA ARG A 414 16.76 -14.52 -10.75
C ARG A 414 16.58 -13.07 -10.35
N LEU A 415 15.54 -12.78 -9.58
CA LEU A 415 15.32 -11.42 -9.07
C LEU A 415 16.46 -10.98 -8.16
N THR A 416 16.81 -11.78 -7.14
CA THR A 416 17.86 -11.33 -6.21
C THR A 416 19.22 -11.25 -6.89
N GLN A 417 19.49 -12.15 -7.84
CA GLN A 417 20.76 -12.10 -8.55
C GLN A 417 20.83 -10.84 -9.42
N ALA A 418 19.71 -10.48 -10.07
CA ALA A 418 19.70 -9.25 -10.86
C ALA A 418 19.95 -8.05 -9.97
N VAL A 419 19.28 -8.00 -8.80
CA VAL A 419 19.50 -6.87 -7.90
C VAL A 419 20.97 -6.79 -7.45
N ASN A 420 21.60 -7.94 -7.10
CA ASN A 420 22.99 -7.91 -6.69
C ASN A 420 23.89 -7.37 -7.80
N GLU A 421 23.66 -7.80 -9.04
CA GLU A 421 24.45 -7.28 -10.16
C GLU A 421 24.25 -5.78 -10.35
N ALA A 422 23.00 -5.31 -10.21
CA ALA A 422 22.66 -3.91 -10.50
C ALA A 422 23.41 -2.95 -9.57
N VAL A 423 23.56 -3.33 -8.30
CA VAL A 423 24.20 -2.41 -7.36
C VAL A 423 25.71 -2.40 -7.51
N ARG A 424 26.31 -3.30 -8.31
CA ARG A 424 27.75 -3.23 -8.57
CA ARG A 424 27.75 -3.25 -8.59
C ARG A 424 28.09 -2.35 -9.77
N GLU A 425 27.07 -1.87 -10.51
CA GLU A 425 27.30 -1.16 -11.76
C GLU A 425 27.07 0.34 -11.58
N GLU A 426 28.17 1.10 -11.53
CA GLU A 426 28.09 2.53 -11.31
C GLU A 426 27.23 3.25 -12.36
N THR A 427 27.21 2.74 -13.60
CA THR A 427 26.41 3.33 -14.66
C THR A 427 24.94 3.35 -14.32
N PHE A 428 24.50 2.52 -13.40
CA PHE A 428 23.07 2.45 -13.10
C PHE A 428 22.65 3.49 -12.06
N PHE A 429 23.57 4.37 -11.63
CA PHE A 429 23.24 5.39 -10.66
C PHE A 429 23.51 6.76 -11.27
N SER A 430 22.75 7.73 -10.82
CA SER A 430 22.85 9.10 -11.31
C SER A 430 23.67 9.92 -10.30
N VAL A 431 23.51 11.24 -10.34
CA VAL A 431 24.26 12.16 -9.50
C VAL A 431 23.33 13.10 -8.71
#